data_5JMU
#
_entry.id   5JMU
#
_cell.length_a   46.495
_cell.length_b   60.323
_cell.length_c   79.577
_cell.angle_alpha   90.00
_cell.angle_beta   90.00
_cell.angle_gamma   90.00
#
_symmetry.space_group_name_H-M   'P 21 21 21'
#
loop_
_entity.id
_entity.type
_entity.pdbx_description
1 polymer 'Peptidoglycan N-acetylglucosamine deacetylase'
2 non-polymer 'ACETATE ION'
3 non-polymer 'ZINC ION'
4 non-polymer 'MAGNESIUM ION'
5 water water
#
_entity_poly.entity_id   1
_entity_poly.type   'polypeptide(L)'
_entity_poly.pdbx_seq_one_letter_code
;SNASVYDPAATADTVNPGNKIIYLTFDDGPGKYTQGLLDVLDKYNVKATFFVTNTHPDYQN(MSE)IAEEAKRGHTVAIH
SASHKYNQIYTSEQAFFDDLEQ(MSE)NSIIKAQTGNDASIIRFPGGSSNTVSKDY(OCS)PGI(MSE)TQLVNDVTARG
LLYCDWNVSSGDANPKPISTEQVVQNVISGVQSHNVSVVLQHDIKEFSVNAVEQIIQWGQANGYTFLPLTTSSP(MSE)S
HHRVNN
;
_entity_poly.pdbx_strand_id   A
#
# COMPACT_ATOMS: atom_id res chain seq x y z
N ASP A 7 12.40 18.42 -3.28
CA ASP A 7 13.79 18.39 -2.81
C ASP A 7 13.90 17.54 -1.54
N PRO A 8 14.65 16.41 -1.64
CA PRO A 8 14.78 15.51 -0.47
C PRO A 8 15.41 16.20 0.76
N ALA A 9 16.17 17.26 0.49
CA ALA A 9 16.87 18.00 1.52
C ALA A 9 15.91 18.63 2.53
N ALA A 10 14.63 18.77 2.17
CA ALA A 10 13.68 19.50 3.02
C ALA A 10 12.93 18.57 3.95
N THR A 11 13.19 17.26 3.87
CA THR A 11 12.45 16.36 4.71
C THR A 11 13.35 15.61 5.72
N ALA A 12 12.72 15.19 6.80
CA ALA A 12 13.46 14.50 7.88
C ALA A 12 14.08 13.19 7.44
N ASP A 13 15.25 12.89 8.00
CA ASP A 13 15.82 11.57 7.78
C ASP A 13 14.92 10.46 8.25
N THR A 14 15.02 9.33 7.60
CA THR A 14 14.28 8.16 8.01
C THR A 14 15.22 7.33 8.87
N VAL A 15 14.67 6.31 9.51
CA VAL A 15 15.42 5.44 10.39
C VAL A 15 15.71 4.14 9.68
N ASN A 16 16.99 3.77 9.59
CA ASN A 16 17.33 2.51 8.95
C ASN A 16 16.69 1.31 9.69
N PRO A 17 15.90 0.47 8.98
CA PRO A 17 15.13 -0.61 9.61
C PRO A 17 15.91 -1.89 9.74
N GLY A 18 17.17 -1.92 9.28
CA GLY A 18 17.97 -3.12 9.38
C GLY A 18 18.10 -3.78 8.01
N ASN A 19 18.41 -5.06 8.03
CA ASN A 19 18.67 -5.77 6.79
C ASN A 19 17.67 -6.90 6.56
N LYS A 20 17.47 -7.24 5.29
CA LYS A 20 16.52 -8.30 4.87
C LYS A 20 15.14 -7.99 5.45
N ILE A 21 14.59 -6.85 5.02
CA ILE A 21 13.31 -6.35 5.51
C ILE A 21 12.26 -6.54 4.44
N ILE A 22 11.07 -6.97 4.83
CA ILE A 22 9.92 -7.02 3.91
C ILE A 22 8.75 -6.26 4.50
N TYR A 23 8.25 -5.28 3.75
CA TYR A 23 7.01 -4.61 4.11
C TYR A 23 5.96 -5.21 3.20
N LEU A 24 5.10 -6.10 3.73
CA LEU A 24 3.95 -6.56 2.94
C LEU A 24 2.92 -5.45 2.94
N THR A 25 2.43 -5.08 1.75
CA THR A 25 1.40 -4.05 1.67
C THR A 25 0.26 -4.52 0.80
N PHE A 26 -0.93 -4.02 1.09
CA PHE A 26 -2.17 -4.49 0.45
C PHE A 26 -3.02 -3.29 0.01
N ASP A 27 -3.34 -3.25 -1.28
CA ASP A 27 -4.16 -2.16 -1.85
C ASP A 27 -5.54 -2.61 -2.12
N ASP A 28 -6.43 -1.62 -2.10
CA ASP A 28 -7.78 -1.68 -2.71
C ASP A 28 -8.87 -2.19 -1.78
N GLY A 29 -8.50 -2.81 -0.65
CA GLY A 29 -9.47 -3.28 0.32
C GLY A 29 -9.96 -2.15 1.22
N PRO A 30 -10.72 -2.47 2.26
CA PRO A 30 -11.05 -3.84 2.66
C PRO A 30 -12.13 -4.48 1.79
N GLY A 31 -12.20 -5.80 1.84
CA GLY A 31 -13.21 -6.54 1.12
C GLY A 31 -13.42 -7.88 1.81
N LYS A 32 -14.06 -8.82 1.12
CA LYS A 32 -14.53 -10.05 1.72
C LYS A 32 -13.42 -10.98 2.17
N TYR A 33 -12.21 -10.81 1.63
CA TYR A 33 -11.10 -11.69 1.97
C TYR A 33 -10.18 -11.11 3.05
N THR A 34 -10.43 -9.87 3.45
CA THR A 34 -9.54 -9.19 4.38
C THR A 34 -9.52 -9.85 5.76
N GLN A 35 -10.67 -10.24 6.31
CA GLN A 35 -10.68 -10.89 7.61
C GLN A 35 -9.75 -12.13 7.62
N GLY A 36 -9.87 -12.96 6.58
CA GLY A 36 -9.07 -14.16 6.49
C GLY A 36 -7.57 -13.84 6.44
N LEU A 37 -7.23 -12.76 5.72
CA LEU A 37 -5.84 -12.28 5.65
C LEU A 37 -5.39 -11.85 7.05
N LEU A 38 -6.23 -11.11 7.78
CA LEU A 38 -5.84 -10.70 9.14
C LEU A 38 -5.56 -11.91 10.05
N ASP A 39 -6.31 -12.98 9.85
CA ASP A 39 -6.15 -14.19 10.64
C ASP A 39 -4.80 -14.84 10.32
N VAL A 40 -4.45 -14.84 9.03
CA VAL A 40 -3.13 -15.40 8.63
C VAL A 40 -1.99 -14.57 9.23
N LEU A 41 -2.11 -13.24 9.14
CA LEU A 41 -1.05 -12.38 9.68
C LEU A 41 -0.91 -12.62 11.18
N ASP A 42 -2.04 -12.77 11.89
CA ASP A 42 -2.00 -13.08 13.31
C ASP A 42 -1.36 -14.44 13.60
N LYS A 43 -1.64 -15.42 12.73
CA LYS A 43 -1.07 -16.73 12.91
C LYS A 43 0.47 -16.69 12.94
N TYR A 44 1.07 -15.79 12.18
CA TYR A 44 2.53 -15.69 12.06
C TYR A 44 3.06 -14.48 12.82
N ASN A 45 2.15 -13.79 13.53
CA ASN A 45 2.54 -12.60 14.31
C ASN A 45 3.29 -11.56 13.45
N VAL A 46 2.72 -11.24 12.29
CA VAL A 46 3.30 -10.29 11.35
C VAL A 46 2.39 -9.08 11.19
N LYS A 47 2.96 -7.88 11.12
CA LYS A 47 2.19 -6.67 10.86
C LYS A 47 2.42 -6.26 9.41
N ALA A 48 1.38 -5.69 8.79
CA ALA A 48 1.47 -5.27 7.40
C ALA A 48 0.91 -3.88 7.27
N THR A 49 0.77 -3.43 6.03
CA THR A 49 0.29 -2.09 5.76
C THR A 49 -0.86 -2.19 4.79
N PHE A 50 -1.98 -1.54 5.10
CA PHE A 50 -3.16 -1.55 4.23
C PHE A 50 -3.40 -0.19 3.65
N PHE A 51 -3.41 -0.12 2.32
CA PHE A 51 -3.73 1.13 1.62
C PHE A 51 -5.18 1.03 1.18
N VAL A 52 -6.08 1.70 1.91
CA VAL A 52 -7.50 1.35 1.85
C VAL A 52 -8.35 2.28 0.96
N THR A 53 -9.54 1.76 0.60
CA THR A 53 -10.49 2.45 -0.24
C THR A 53 -11.85 2.32 0.42
N ASN A 54 -12.83 3.00 -0.15
CA ASN A 54 -14.20 2.76 0.25
C ASN A 54 -15.01 2.10 -0.87
N THR A 55 -14.31 1.27 -1.66
CA THR A 55 -14.98 0.59 -2.78
C THR A 55 -16.01 -0.44 -2.32
N HIS A 56 -15.77 -1.02 -1.15
CA HIS A 56 -16.63 -2.09 -0.63
C HIS A 56 -17.08 -1.71 0.76
N PRO A 57 -18.01 -0.76 0.85
CA PRO A 57 -18.35 -0.24 2.19
C PRO A 57 -19.03 -1.30 3.08
N ASP A 58 -19.39 -2.48 2.56
CA ASP A 58 -19.91 -3.56 3.41
C ASP A 58 -18.81 -4.16 4.31
N TYR A 59 -17.57 -3.76 4.08
CA TYR A 59 -16.43 -4.26 4.88
C TYR A 59 -15.69 -3.13 5.56
N GLN A 60 -16.33 -1.97 5.68
CA GLN A 60 -15.62 -0.79 6.19
C GLN A 60 -15.08 -0.97 7.64
N ASN A 61 -15.80 -1.75 8.45
CA ASN A 61 -15.33 -2.01 9.81
C ASN A 61 -14.02 -2.78 9.87
N ILE A 63 -11.41 -1.77 8.57
CA ILE A 63 -10.37 -0.75 8.78
C ILE A 63 -10.10 -0.62 10.29
N ALA A 64 -11.16 -0.59 11.09
CA ALA A 64 -11.00 -0.59 12.54
C ALA A 64 -10.24 -1.82 12.99
N GLU A 65 -10.57 -2.98 12.45
CA GLU A 65 -9.88 -4.22 12.84
C GLU A 65 -8.40 -4.22 12.44
N GLU A 66 -8.09 -3.68 11.27
CA GLU A 66 -6.68 -3.62 10.84
C GLU A 66 -5.86 -2.82 11.86
N ALA A 67 -6.38 -1.68 12.25
CA ALA A 67 -5.65 -0.85 13.21
C ALA A 67 -5.59 -1.53 14.58
N LYS A 68 -6.71 -2.12 15.01
CA LYS A 68 -6.75 -2.75 16.34
C LYS A 68 -5.71 -3.83 16.45
N ARG A 69 -5.48 -4.54 15.34
CA ARG A 69 -4.56 -5.68 15.34
C ARG A 69 -3.10 -5.25 15.10
N GLY A 70 -2.86 -3.95 14.99
CA GLY A 70 -1.50 -3.47 14.97
C GLY A 70 -0.94 -3.16 13.59
N HIS A 71 -1.77 -3.28 12.57
CA HIS A 71 -1.31 -2.96 11.20
C HIS A 71 -1.35 -1.48 10.94
N THR A 72 -0.60 -1.03 9.93
CA THR A 72 -0.65 0.35 9.50
C THR A 72 -1.83 0.53 8.55
N VAL A 73 -2.67 1.52 8.83
CA VAL A 73 -3.77 1.87 7.96
C VAL A 73 -3.42 3.16 7.25
N ALA A 74 -3.35 3.08 5.92
CA ALA A 74 -2.91 4.19 5.08
C ALA A 74 -3.97 4.47 3.99
N ILE A 75 -3.88 5.62 3.32
CA ILE A 75 -4.87 5.98 2.31
C ILE A 75 -4.51 5.49 0.93
N HIS A 76 -5.47 4.91 0.20
CA HIS A 76 -5.30 4.67 -1.25
C HIS A 76 -6.21 5.66 -1.98
N SER A 77 -7.51 5.51 -1.78
CA SER A 77 -8.48 6.44 -2.38
C SER A 77 -9.89 6.07 -1.93
N ALA A 78 -10.73 7.06 -1.67
CA ALA A 78 -12.10 6.68 -1.29
C ALA A 78 -12.81 6.03 -2.45
N SER A 79 -12.82 6.71 -3.62
CA SER A 79 -13.55 6.20 -4.76
C SER A 79 -12.78 5.24 -5.64
N HIS A 80 -11.46 5.37 -5.64
CA HIS A 80 -10.57 4.65 -6.54
C HIS A 80 -11.05 4.80 -7.99
N LYS A 81 -11.55 5.97 -8.34
CA LYS A 81 -11.93 6.24 -9.71
C LYS A 81 -10.93 7.22 -10.32
N TYR A 82 -10.09 6.71 -11.21
CA TYR A 82 -9.03 7.54 -11.79
C TYR A 82 -9.63 8.77 -12.47
N ASN A 83 -10.76 8.59 -13.14
CA ASN A 83 -11.35 9.65 -13.93
C ASN A 83 -12.06 10.71 -13.10
N GLN A 84 -12.04 10.51 -11.78
CA GLN A 84 -12.59 11.47 -10.85
CA GLN A 84 -12.59 11.46 -10.83
C GLN A 84 -11.44 12.12 -10.09
N ILE A 85 -10.61 11.29 -9.47
CA ILE A 85 -9.61 11.86 -8.58
C ILE A 85 -8.47 12.55 -9.30
N TYR A 86 -8.25 12.26 -10.58
CA TYR A 86 -7.10 12.88 -11.23
C TYR A 86 -7.51 14.00 -12.20
N THR A 87 -8.73 14.52 -12.06
CA THR A 87 -9.13 15.62 -12.94
C THR A 87 -8.57 16.98 -12.43
N SER A 88 -8.26 17.10 -11.13
CA SER A 88 -7.69 18.35 -10.62
C SER A 88 -7.05 18.04 -9.27
N GLU A 89 -6.12 18.89 -8.82
CA GLU A 89 -5.60 18.77 -7.45
C GLU A 89 -6.74 18.78 -6.42
N GLN A 90 -7.70 19.68 -6.63
CA GLN A 90 -8.81 19.81 -5.70
C GLN A 90 -9.63 18.52 -5.59
N ALA A 91 -9.92 17.88 -6.73
CA ALA A 91 -10.66 16.62 -6.72
C ALA A 91 -9.87 15.52 -6.04
N PHE A 92 -8.56 15.48 -6.26
CA PHE A 92 -7.73 14.47 -5.62
C PHE A 92 -7.81 14.60 -4.11
N PHE A 93 -7.64 15.83 -3.61
CA PHE A 93 -7.61 16.00 -2.16
C PHE A 93 -9.00 15.87 -1.56
N ASP A 94 -10.06 16.25 -2.30
CA ASP A 94 -11.39 15.96 -1.77
C ASP A 94 -11.56 14.47 -1.52
N ASP A 95 -11.14 13.66 -2.49
CA ASP A 95 -11.21 12.21 -2.30
C ASP A 95 -10.27 11.70 -1.21
N LEU A 96 -9.05 12.21 -1.13
CA LEU A 96 -8.10 11.77 -0.13
C LEU A 96 -8.66 12.08 1.27
N GLU A 97 -9.21 13.28 1.41
CA GLU A 97 -9.79 13.68 2.70
C GLU A 97 -11.00 12.86 3.10
N GLN A 98 -11.83 12.49 2.12
CA GLN A 98 -12.96 11.60 2.44
C GLN A 98 -12.43 10.27 3.01
N ASN A 100 -9.50 9.73 4.48
CA ASN A 100 -8.93 9.98 5.78
C ASN A 100 -10.00 10.08 6.85
N SER A 101 -11.11 10.71 6.51
CA SER A 101 -12.21 10.87 7.48
C SER A 101 -12.77 9.51 7.88
N ILE A 102 -12.89 8.59 6.92
CA ILE A 102 -13.38 7.25 7.27
C ILE A 102 -12.36 6.56 8.18
N ILE A 103 -11.08 6.73 7.86
CA ILE A 103 -10.05 6.11 8.70
C ILE A 103 -10.11 6.68 10.12
N LYS A 104 -10.32 7.98 10.25
CA LYS A 104 -10.44 8.60 11.57
CA LYS A 104 -10.40 8.56 11.60
C LYS A 104 -11.65 8.07 12.33
N ALA A 105 -12.80 8.00 11.64
CA ALA A 105 -14.05 7.45 12.21
C ALA A 105 -13.82 6.05 12.75
N GLN A 106 -13.14 5.24 11.95
CA GLN A 106 -12.97 3.82 12.27
C GLN A 106 -11.88 3.55 13.32
N THR A 107 -10.77 4.30 13.26
CA THR A 107 -9.58 3.98 14.06
C THR A 107 -9.31 4.99 15.14
N GLY A 108 -9.91 6.18 15.03
CA GLY A 108 -9.61 7.23 16.00
C GLY A 108 -8.46 8.12 15.61
N ASN A 109 -7.74 7.74 14.56
CA ASN A 109 -6.55 8.50 14.14
C ASN A 109 -6.60 8.87 12.67
N ASP A 110 -5.95 9.96 12.33
CA ASP A 110 -5.72 10.30 10.91
C ASP A 110 -4.65 9.43 10.31
N ALA A 111 -4.70 9.27 9.00
CA ALA A 111 -3.65 8.57 8.27
C ALA A 111 -2.45 9.46 8.12
N SER A 112 -1.26 8.84 8.05
CA SER A 112 0.01 9.55 7.80
C SER A 112 0.68 9.26 6.46
N ILE A 113 0.28 8.16 5.83
CA ILE A 113 0.92 7.62 4.65
C ILE A 113 -0.16 7.36 3.62
N ILE A 114 0.18 7.60 2.35
CA ILE A 114 -0.74 7.29 1.25
C ILE A 114 -0.03 6.49 0.17
N ARG A 115 -0.82 5.86 -0.71
CA ARG A 115 -0.28 5.31 -1.95
C ARG A 115 -1.17 5.82 -3.07
N PHE A 116 -0.58 6.53 -4.02
CA PHE A 116 -1.35 7.03 -5.14
C PHE A 116 -1.91 5.88 -5.95
N PRO A 117 -3.20 5.97 -6.37
CA PRO A 117 -3.71 4.97 -7.30
C PRO A 117 -2.89 4.97 -8.59
N GLY A 118 -2.44 3.78 -8.98
CA GLY A 118 -1.56 3.59 -10.13
C GLY A 118 -0.09 3.81 -9.79
N GLY A 119 0.20 4.15 -8.54
CA GLY A 119 1.56 4.53 -8.14
C GLY A 119 1.85 6.00 -8.43
N SER A 120 2.86 6.61 -7.80
CA SER A 120 3.18 8.01 -8.15
C SER A 120 3.67 8.12 -9.59
N SER A 121 4.05 6.96 -10.14
CA SER A 121 4.58 6.82 -11.50
C SER A 121 3.53 6.68 -12.58
N ASN A 122 2.25 6.69 -12.20
CA ASN A 122 1.19 6.39 -13.18
C ASN A 122 1.15 7.41 -14.31
N THR A 123 0.73 6.96 -15.51
CA THR A 123 0.48 7.92 -16.59
C THR A 123 -0.98 8.01 -16.95
N VAL A 124 -1.84 7.15 -16.36
CA VAL A 124 -3.26 7.29 -16.66
C VAL A 124 -3.78 8.70 -16.29
N SER A 125 -3.18 9.29 -15.24
CA SER A 125 -3.59 10.63 -14.85
C SER A 125 -3.34 11.63 -15.98
N LYS A 126 -2.48 11.33 -16.97
CA LYS A 126 -2.31 12.27 -18.11
C LYS A 126 -3.58 12.45 -18.91
N ASP A 127 -4.42 11.42 -18.92
CA ASP A 127 -5.67 11.49 -19.66
C ASP A 127 -6.69 12.41 -19.02
N TYR A 128 -6.43 12.79 -17.77
CA TYR A 128 -7.37 13.63 -17.04
C TYR A 128 -6.79 15.00 -16.67
N PRO A 130 -2.88 16.64 -17.38
CA PRO A 130 -1.43 16.59 -17.61
C PRO A 130 -0.69 17.39 -16.54
N GLY A 131 0.34 16.79 -15.97
CA GLY A 131 1.16 17.45 -14.96
C GLY A 131 0.69 17.24 -13.54
N ILE A 132 -0.48 16.62 -13.34
CA ILE A 132 -0.99 16.55 -11.98
C ILE A 132 -0.12 15.76 -10.99
N THR A 134 3.19 15.56 -10.86
CA THR A 134 4.29 16.43 -10.41
C THR A 134 3.78 17.40 -9.34
N GLN A 135 2.58 17.93 -9.54
CA GLN A 135 2.01 18.81 -8.50
C GLN A 135 1.68 18.01 -7.24
N LEU A 136 1.00 16.88 -7.40
CA LEU A 136 0.56 16.17 -6.19
C LEU A 136 1.66 15.62 -5.29
N VAL A 137 2.81 15.18 -5.83
CA VAL A 137 3.89 14.71 -4.97
CA VAL A 137 3.85 14.68 -4.92
C VAL A 137 4.33 15.87 -4.08
N ASN A 138 4.32 17.06 -4.67
CA ASN A 138 4.68 18.22 -3.88
CA ASN A 138 4.60 18.32 -3.96
C ASN A 138 3.56 18.63 -2.90
N ASP A 139 2.32 18.57 -3.33
CA ASP A 139 1.21 18.97 -2.45
C ASP A 139 1.05 17.99 -1.28
N VAL A 140 1.21 16.70 -1.51
CA VAL A 140 1.02 15.80 -0.39
CA VAL A 140 1.07 15.72 -0.45
C VAL A 140 2.16 15.97 0.60
N THR A 141 3.37 16.25 0.13
CA THR A 141 4.49 16.53 1.02
C THR A 141 4.23 17.79 1.85
N ALA A 142 3.72 18.85 1.19
CA ALA A 142 3.41 20.11 1.89
C ALA A 142 2.37 19.88 2.98
N ARG A 143 1.46 18.93 2.73
CA ARG A 143 0.45 18.58 3.73
C ARG A 143 0.94 17.65 4.84
N GLY A 144 2.23 17.37 4.86
CA GLY A 144 2.80 16.54 5.90
C GLY A 144 2.56 15.07 5.75
N LEU A 145 2.11 14.67 4.55
CA LEU A 145 1.85 13.26 4.28
C LEU A 145 3.06 12.57 3.62
N LEU A 146 3.19 11.27 3.84
CA LEU A 146 4.22 10.47 3.21
C LEU A 146 3.55 9.63 2.15
N TYR A 147 4.26 9.28 1.09
CA TYR A 147 3.64 8.37 0.11
C TYR A 147 4.63 7.25 -0.18
N CYS A 148 4.10 6.10 -0.56
CA CYS A 148 4.96 4.93 -0.82
C CYS A 148 4.46 4.19 -2.06
N ASP A 149 5.40 3.94 -2.98
CA ASP A 149 5.17 3.04 -4.10
C ASP A 149 5.59 1.63 -3.69
N TRP A 150 6.34 0.91 -4.53
CA TRP A 150 6.74 -0.46 -4.18
C TRP A 150 7.97 -0.84 -5.01
N ASN A 151 8.70 -1.89 -4.58
CA ASN A 151 9.79 -2.37 -5.42
C ASN A 151 9.75 -3.90 -5.60
N VAL A 152 8.66 -4.56 -5.16
CA VAL A 152 8.43 -5.97 -5.51
C VAL A 152 7.03 -6.12 -6.04
N SER A 153 6.90 -6.56 -7.28
CA SER A 153 5.58 -6.86 -7.84
C SER A 153 5.17 -8.29 -7.56
N SER A 154 3.91 -8.45 -7.16
CA SER A 154 3.39 -9.80 -6.96
C SER A 154 2.77 -10.37 -8.23
N GLY A 155 2.57 -9.52 -9.24
CA GLY A 155 1.90 -9.92 -10.45
C GLY A 155 0.40 -10.05 -10.30
N ASP A 156 -0.17 -9.64 -9.16
CA ASP A 156 -1.58 -9.91 -8.89
C ASP A 156 -2.51 -8.82 -9.44
N ALA A 157 -1.96 -7.86 -10.15
CA ALA A 157 -2.77 -6.78 -10.72
C ALA A 157 -3.18 -7.07 -12.16
N ASN A 158 -2.65 -8.14 -12.74
CA ASN A 158 -2.93 -8.46 -14.16
C ASN A 158 -4.41 -8.75 -14.39
N PRO A 159 -4.96 -8.20 -15.48
CA PRO A 159 -6.38 -8.35 -15.84
C PRO A 159 -6.82 -9.83 -15.94
N LYS A 160 -5.90 -10.70 -16.33
CA LYS A 160 -6.09 -12.14 -16.19
C LYS A 160 -5.33 -12.57 -14.95
N PRO A 161 -6.03 -13.14 -13.95
CA PRO A 161 -5.37 -13.52 -12.69
C PRO A 161 -4.32 -14.60 -12.91
N ILE A 162 -3.28 -14.61 -12.07
CA ILE A 162 -2.31 -15.70 -12.09
C ILE A 162 -2.64 -16.61 -10.93
N SER A 163 -1.93 -17.71 -10.79
CA SER A 163 -2.24 -18.62 -9.71
C SER A 163 -1.63 -18.17 -8.39
N THR A 164 -2.18 -18.73 -7.32
CA THR A 164 -1.62 -18.47 -6.01
C THR A 164 -0.15 -18.83 -5.99
N GLU A 165 0.20 -19.99 -6.55
CA GLU A 165 1.59 -20.40 -6.58
C GLU A 165 2.46 -19.41 -7.35
N GLN A 166 1.92 -18.83 -8.42
CA GLN A 166 2.70 -17.83 -9.17
CA GLN A 166 2.71 -17.86 -9.17
C GLN A 166 2.94 -16.58 -8.34
N VAL A 167 1.94 -16.17 -7.54
CA VAL A 167 2.11 -15.00 -6.68
C VAL A 167 3.22 -15.30 -5.67
N VAL A 168 3.18 -16.49 -5.09
CA VAL A 168 4.22 -16.86 -4.13
C VAL A 168 5.62 -16.72 -4.77
N GLN A 169 5.79 -17.30 -5.95
CA GLN A 169 7.09 -17.29 -6.61
C GLN A 169 7.49 -15.88 -7.01
N ASN A 170 6.52 -15.05 -7.41
CA ASN A 170 6.84 -13.68 -7.83
C ASN A 170 7.35 -12.87 -6.66
N VAL A 171 6.71 -13.02 -5.51
CA VAL A 171 7.11 -12.21 -4.35
C VAL A 171 8.47 -12.71 -3.81
N ILE A 172 8.64 -14.01 -3.72
CA ILE A 172 9.89 -14.56 -3.18
C ILE A 172 11.06 -14.20 -4.09
N SER A 173 10.87 -14.33 -5.39
CA SER A 173 11.89 -13.91 -6.35
CA SER A 173 11.96 -13.94 -6.27
C SER A 173 12.20 -12.42 -6.27
N GLY A 174 11.15 -11.59 -6.26
CA GLY A 174 11.38 -10.14 -6.20
C GLY A 174 12.07 -9.62 -4.94
N VAL A 175 11.74 -10.20 -3.78
CA VAL A 175 12.33 -9.78 -2.52
CA VAL A 175 12.35 -9.68 -2.55
C VAL A 175 13.83 -9.97 -2.51
N GLN A 176 14.30 -11.00 -3.21
CA GLN A 176 15.72 -11.31 -3.16
C GLN A 176 16.56 -10.27 -3.92
N SER A 177 15.91 -9.40 -4.65
CA SER A 177 16.61 -8.33 -5.34
C SER A 177 16.93 -7.15 -4.44
N HIS A 178 16.37 -7.10 -3.23
CA HIS A 178 16.40 -5.89 -2.43
C HIS A 178 16.70 -6.19 -1.00
N ASN A 179 17.56 -5.39 -0.39
CA ASN A 179 17.77 -5.52 1.05
C ASN A 179 16.52 -5.14 1.81
N VAL A 180 15.82 -4.15 1.30
CA VAL A 180 14.58 -3.67 1.89
C VAL A 180 13.50 -3.68 0.82
N SER A 181 12.49 -4.52 0.99
CA SER A 181 11.45 -4.71 -0.03
C SER A 181 10.14 -4.15 0.43
N VAL A 182 9.41 -3.52 -0.51
CA VAL A 182 8.01 -3.13 -0.30
C VAL A 182 7.23 -3.89 -1.36
N VAL A 183 6.42 -4.85 -0.93
CA VAL A 183 5.69 -5.76 -1.81
C VAL A 183 4.29 -5.22 -2.07
N LEU A 184 3.87 -5.15 -3.32
CA LEU A 184 2.51 -4.78 -3.66
C LEU A 184 1.63 -6.00 -3.87
N GLN A 185 0.62 -6.18 -3.03
CA GLN A 185 -0.47 -7.12 -3.30
C GLN A 185 -1.80 -6.39 -3.12
N HIS A 186 -2.89 -7.07 -3.47
CA HIS A 186 -4.21 -6.50 -3.35
C HIS A 186 -5.05 -7.45 -2.52
N ASP A 187 -5.54 -7.00 -1.37
CA ASP A 187 -6.27 -7.96 -0.53
C ASP A 187 -7.72 -8.22 -1.01
N ILE A 188 -8.13 -7.56 -2.09
CA ILE A 188 -9.40 -7.88 -2.72
C ILE A 188 -9.30 -9.08 -3.69
N LYS A 189 -8.10 -9.61 -3.87
CA LYS A 189 -7.91 -10.76 -4.73
C LYS A 189 -7.64 -12.02 -3.92
N GLU A 190 -8.63 -12.91 -3.90
CA GLU A 190 -8.55 -14.11 -3.12
C GLU A 190 -7.26 -14.93 -3.40
N PHE A 191 -6.90 -15.09 -4.67
CA PHE A 191 -5.73 -15.93 -4.99
C PHE A 191 -4.44 -15.34 -4.44
N SER A 192 -4.43 -14.02 -4.27
CA SER A 192 -3.23 -13.35 -3.83
C SER A 192 -3.18 -13.40 -2.29
N VAL A 193 -4.31 -13.16 -1.66
CA VAL A 193 -4.39 -13.32 -0.21
C VAL A 193 -3.91 -14.72 0.19
N ASN A 194 -4.29 -15.70 -0.61
CA ASN A 194 -4.00 -17.09 -0.26
C ASN A 194 -2.50 -17.43 -0.40
N ALA A 195 -1.74 -16.51 -1.00
CA ALA A 195 -0.31 -16.67 -1.14
C ALA A 195 0.47 -16.22 0.09
N VAL A 196 -0.17 -15.43 0.95
CA VAL A 196 0.58 -14.71 1.97
C VAL A 196 1.22 -15.68 2.99
N GLU A 197 0.50 -16.74 3.33
CA GLU A 197 1.07 -17.71 4.27
C GLU A 197 2.43 -18.30 3.83
N GLN A 198 2.50 -18.78 2.59
CA GLN A 198 3.75 -19.33 2.08
C GLN A 198 4.83 -18.26 1.95
N ILE A 199 4.44 -17.03 1.59
CA ILE A 199 5.40 -15.94 1.50
C ILE A 199 6.03 -15.68 2.89
N ILE A 200 5.21 -15.62 3.92
CA ILE A 200 5.72 -15.44 5.28
C ILE A 200 6.59 -16.63 5.73
N GLN A 201 6.13 -17.86 5.47
CA GLN A 201 6.92 -19.02 5.84
C GLN A 201 8.31 -18.94 5.20
N TRP A 202 8.34 -18.64 3.91
CA TRP A 202 9.62 -18.56 3.23
C TRP A 202 10.50 -17.44 3.79
N GLY A 203 9.91 -16.26 3.95
CA GLY A 203 10.70 -15.14 4.41
C GLY A 203 11.25 -15.42 5.79
N GLN A 204 10.41 -15.91 6.70
CA GLN A 204 10.90 -16.12 8.06
C GLN A 204 11.98 -17.21 8.08
N ALA A 205 11.84 -18.22 7.23
CA ALA A 205 12.83 -19.28 7.18
C ALA A 205 14.16 -18.84 6.53
N ASN A 206 14.14 -17.72 5.81
CA ASN A 206 15.34 -17.25 5.12
C ASN A 206 15.93 -15.96 5.71
N GLY A 207 15.59 -15.64 6.95
CA GLY A 207 16.28 -14.54 7.65
C GLY A 207 15.66 -13.18 7.43
N TYR A 208 14.51 -13.16 6.77
CA TYR A 208 13.81 -11.88 6.55
C TYR A 208 12.93 -11.51 7.74
N THR A 209 12.77 -10.20 7.94
CA THR A 209 11.90 -9.64 8.99
C THR A 209 10.77 -8.88 8.31
N PHE A 210 9.52 -9.23 8.65
CA PHE A 210 8.33 -8.52 8.17
C PHE A 210 7.97 -7.39 9.08
N LEU A 211 7.85 -6.19 8.49
CA LEU A 211 7.52 -5.01 9.27
C LEU A 211 6.34 -4.26 8.66
N PRO A 212 5.62 -3.47 9.45
CA PRO A 212 4.66 -2.49 8.94
C PRO A 212 5.36 -1.16 8.62
N LEU A 213 4.79 -0.39 7.68
CA LEU A 213 5.38 0.92 7.37
C LEU A 213 5.00 1.86 8.47
N THR A 214 5.94 2.72 8.89
CA THR A 214 5.63 3.79 9.83
C THR A 214 6.21 5.09 9.30
N THR A 215 5.97 6.17 10.03
CA THR A 215 6.43 7.47 9.53
C THR A 215 7.96 7.59 9.55
N SER A 216 8.64 6.72 10.28
CA SER A 216 10.09 6.76 10.26
C SER A 216 10.70 5.74 9.28
N SER A 217 9.85 4.94 8.60
CA SER A 217 10.37 4.00 7.61
C SER A 217 10.89 4.71 6.37
N PRO A 218 11.93 4.13 5.75
CA PRO A 218 12.26 4.62 4.40
C PRO A 218 11.08 4.36 3.46
N SER A 220 9.50 3.90 -0.45
CA SER A 220 9.90 3.49 -1.78
C SER A 220 9.24 4.46 -2.75
N HIS A 221 10.04 5.23 -3.50
CA HIS A 221 9.49 6.20 -4.47
C HIS A 221 9.90 5.88 -5.89
N HIS A 222 8.92 5.79 -6.77
CA HIS A 222 9.19 5.65 -8.19
C HIS A 222 9.58 7.00 -8.78
N ARG A 223 9.89 6.99 -10.08
CA ARG A 223 9.99 8.20 -10.90
C ARG A 223 8.59 8.75 -11.12
N VAL A 224 8.42 10.07 -11.08
CA VAL A 224 7.14 10.63 -11.53
C VAL A 224 7.14 10.82 -13.05
N ASN A 225 6.09 10.33 -13.71
CA ASN A 225 6.03 10.38 -15.18
C ASN A 225 4.98 11.30 -15.76
N ASN A 226 4.16 11.90 -14.89
CA ASN A 226 3.19 12.91 -15.29
C ASN A 226 3.35 14.12 -14.37
#